data_2J92
#
_entry.id   2J92
#
_cell.length_a   59.387
_cell.length_b   71.708
_cell.length_c   92.399
_cell.angle_alpha   90.00
_cell.angle_beta   90.00
_cell.angle_gamma   90.00
#
_symmetry.space_group_name_H-M   'P 21 21 21'
#
loop_
_entity.id
_entity.type
_entity.pdbx_description
1 polymer 'PICORNAIN 3C'
2 water water
#
_entity_poly.entity_id   1
_entity_poly.type   'polypeptide(L)'
_entity_poly.pdbx_seq_one_letter_code
;ESGAPPTDLQKMVMGNTKPVELILDGKTVAICCATGVFGTAYLVPRHLFAEQYDKIMLDGRAMTDSDYRVFEFEIKVKGQ
DMLSDAALMVLHRGNKVRDITKHFRDTARMKKGTPVVGVVNNADVGRLIFSGEALTYKDIVVSMDGDTMPGLFAYKAATR
AGYAGGAVLAKDGADTFIVGTHSAGGNGVGYCSCVSRSMLQKMKAHVEH
;
_entity_poly.pdbx_strand_id   A,B
#
# COMPACT_ATOMS: atom_id res chain seq x y z
N ASP A 8 4.03 -11.34 12.24
CA ASP A 8 2.83 -12.11 12.71
C ASP A 8 1.66 -11.20 13.07
N LEU A 9 1.94 -10.05 13.68
CA LEU A 9 0.89 -9.11 14.06
C LEU A 9 0.20 -8.60 12.80
N GLN A 10 1.01 -8.26 11.80
CA GLN A 10 0.49 -7.76 10.54
C GLN A 10 -0.49 -8.76 9.93
N LYS A 11 -0.15 -10.04 9.99
CA LYS A 11 -0.99 -11.10 9.45
C LYS A 11 -2.29 -11.17 10.23
N MET A 12 -2.19 -11.07 11.56
CA MET A 12 -3.38 -11.12 12.40
C MET A 12 -4.29 -9.95 12.05
N VAL A 13 -3.70 -8.76 11.91
CA VAL A 13 -4.46 -7.57 11.58
C VAL A 13 -5.12 -7.64 10.19
N MET A 14 -4.39 -8.15 9.21
CA MET A 14 -4.96 -8.27 7.86
C MET A 14 -6.14 -9.23 7.94
N GLY A 15 -6.05 -10.20 8.84
CA GLY A 15 -7.11 -11.17 9.00
C GLY A 15 -8.40 -10.54 9.53
N ASN A 16 -8.24 -9.45 10.28
CA ASN A 16 -9.38 -8.74 10.86
C ASN A 16 -9.88 -7.56 10.02
N THR A 17 -9.17 -7.22 8.95
CA THR A 17 -9.54 -6.09 8.11
C THR A 17 -10.52 -6.45 6.98
N LYS A 18 -11.68 -5.81 6.98
CA LYS A 18 -12.72 -6.07 5.98
C LYS A 18 -13.05 -4.87 5.10
N PRO A 19 -13.47 -5.11 3.85
CA PRO A 19 -13.82 -4.00 2.95
C PRO A 19 -15.20 -3.43 3.26
N VAL A 20 -15.32 -2.11 3.22
CA VAL A 20 -16.61 -1.47 3.50
C VAL A 20 -17.05 -0.59 2.34
N GLU A 21 -18.31 -0.78 1.92
CA GLU A 21 -18.88 0.01 0.84
C GLU A 21 -20.17 0.64 1.33
N LEU A 22 -20.19 1.97 1.41
CA LEU A 22 -21.36 2.70 1.86
C LEU A 22 -22.21 2.99 0.62
N ILE A 23 -23.46 2.51 0.63
CA ILE A 23 -24.36 2.68 -0.50
C ILE A 23 -25.54 3.61 -0.25
N LEU A 24 -25.79 4.49 -1.21
CA LEU A 24 -26.89 5.44 -1.13
C LEU A 24 -27.71 5.40 -2.42
N ASP A 25 -28.84 4.70 -2.37
CA ASP A 25 -29.71 4.58 -3.53
C ASP A 25 -29.03 3.80 -4.65
N GLY A 26 -28.63 2.58 -4.35
CA GLY A 26 -27.96 1.75 -5.35
C GLY A 26 -26.59 2.21 -5.80
N LYS A 27 -26.13 3.35 -5.29
CA LYS A 27 -24.81 3.87 -5.66
C LYS A 27 -23.80 3.80 -4.53
N THR A 28 -22.55 3.44 -4.87
CA THR A 28 -21.48 3.36 -3.88
C THR A 28 -20.94 4.77 -3.66
N VAL A 29 -21.42 5.43 -2.62
CA VAL A 29 -21.00 6.79 -2.32
C VAL A 29 -19.66 6.91 -1.59
N ALA A 30 -19.07 5.78 -1.20
CA ALA A 30 -17.79 5.80 -0.50
C ALA A 30 -17.36 4.41 -0.08
N ILE A 31 -16.05 4.23 0.07
CA ILE A 31 -15.49 2.96 0.49
C ILE A 31 -14.41 3.22 1.53
N CYS A 32 -14.09 2.18 2.30
CA CYS A 32 -13.08 2.29 3.33
C CYS A 32 -12.81 0.91 3.89
N CYS A 33 -12.09 0.85 5.00
CA CYS A 33 -11.78 -0.42 5.63
C CYS A 33 -12.40 -0.42 7.02
N ALA A 34 -12.51 -1.61 7.58
CA ALA A 34 -13.05 -1.82 8.92
C ALA A 34 -12.08 -2.79 9.60
N THR A 35 -11.49 -2.35 10.71
CA THR A 35 -10.54 -3.18 11.43
C THR A 35 -11.17 -3.84 12.65
N GLY A 36 -11.43 -5.14 12.54
CA GLY A 36 -12.02 -5.87 13.65
C GLY A 36 -11.04 -5.89 14.81
N VAL A 37 -11.52 -5.56 16.01
CA VAL A 37 -10.65 -5.55 17.19
C VAL A 37 -11.03 -6.60 18.24
N PHE A 38 -12.28 -7.07 18.18
CA PHE A 38 -12.77 -8.11 19.09
C PHE A 38 -14.24 -8.43 18.78
N GLY A 39 -14.69 -9.61 19.22
CA GLY A 39 -16.06 -10.03 18.98
C GLY A 39 -16.54 -9.62 17.60
N THR A 40 -17.52 -8.73 17.56
CA THR A 40 -18.06 -8.23 16.30
C THR A 40 -17.96 -6.71 16.34
N ALA A 41 -16.84 -6.23 16.88
CA ALA A 41 -16.56 -4.80 16.98
C ALA A 41 -15.46 -4.45 15.99
N TYR A 42 -15.67 -3.40 15.20
CA TYR A 42 -14.72 -2.97 14.19
C TYR A 42 -14.42 -1.47 14.23
N LEU A 43 -13.15 -1.09 14.20
CA LEU A 43 -12.79 0.32 14.19
C LEU A 43 -13.09 0.80 12.76
N VAL A 44 -13.80 1.92 12.64
CA VAL A 44 -14.17 2.46 11.33
C VAL A 44 -14.04 3.98 11.30
N PRO A 45 -13.92 4.57 10.10
CA PRO A 45 -13.80 6.04 9.97
C PRO A 45 -15.08 6.74 10.39
N ARG A 46 -15.00 7.60 11.40
CA ARG A 46 -16.18 8.32 11.86
C ARG A 46 -16.70 9.27 10.80
N HIS A 47 -15.81 10.02 10.15
CA HIS A 47 -16.23 10.97 9.13
C HIS A 47 -17.04 10.32 8.01
N LEU A 48 -16.99 8.99 7.92
CA LEU A 48 -17.75 8.29 6.89
C LEU A 48 -19.04 7.74 7.47
N PHE A 49 -18.98 7.19 8.68
CA PHE A 49 -20.19 6.66 9.30
C PHE A 49 -21.02 7.79 9.91
N ALA A 50 -21.23 8.82 9.09
CA ALA A 50 -22.00 9.99 9.50
C ALA A 50 -22.51 10.69 8.23
N GLU A 51 -22.90 9.89 7.25
CA GLU A 51 -23.42 10.44 6.01
C GLU A 51 -24.72 9.76 5.61
N GLN A 52 -25.09 9.86 4.34
CA GLN A 52 -26.34 9.28 3.84
C GLN A 52 -26.17 7.86 3.31
N TYR A 53 -26.66 6.88 4.06
CA TYR A 53 -26.55 5.48 3.65
C TYR A 53 -27.83 4.66 3.76
N ASP A 54 -28.05 3.80 2.78
CA ASP A 54 -29.21 2.92 2.76
C ASP A 54 -28.71 1.52 3.06
N LYS A 55 -27.47 1.26 2.68
CA LYS A 55 -26.85 -0.04 2.90
C LYS A 55 -25.37 0.10 3.24
N ILE A 56 -24.91 -0.72 4.17
CA ILE A 56 -23.52 -0.74 4.57
C ILE A 56 -23.02 -2.14 4.25
N MET A 57 -22.10 -2.24 3.29
CA MET A 57 -21.58 -3.55 2.92
C MET A 57 -20.31 -3.83 3.73
N LEU A 58 -20.36 -4.85 4.58
CA LEU A 58 -19.21 -5.24 5.38
C LEU A 58 -18.77 -6.62 4.93
N ASP A 59 -17.66 -6.67 4.22
CA ASP A 59 -17.12 -7.93 3.73
C ASP A 59 -18.16 -8.73 2.93
N GLY A 60 -18.97 -8.02 2.15
CA GLY A 60 -19.97 -8.68 1.33
C GLY A 60 -21.33 -8.83 1.99
N ARG A 61 -21.41 -8.52 3.27
CA ARG A 61 -22.68 -8.62 4.01
C ARG A 61 -23.41 -7.28 3.97
N ALA A 62 -24.61 -7.27 3.39
CA ALA A 62 -25.40 -6.05 3.28
C ALA A 62 -26.17 -5.77 4.58
N MET A 63 -25.88 -4.64 5.22
CA MET A 63 -26.55 -4.27 6.46
C MET A 63 -27.19 -2.90 6.38
N THR A 64 -27.95 -2.57 7.42
CA THR A 64 -28.59 -1.27 7.55
C THR A 64 -28.12 -0.79 8.91
N ASP A 65 -28.54 0.40 9.32
CA ASP A 65 -28.11 0.92 10.61
C ASP A 65 -28.69 0.14 11.79
N SER A 66 -29.65 -0.74 11.51
CA SER A 66 -30.27 -1.53 12.57
C SER A 66 -29.50 -2.80 12.91
N ASP A 67 -28.41 -3.06 12.19
CA ASP A 67 -27.61 -4.25 12.44
C ASP A 67 -26.38 -3.98 13.30
N TYR A 68 -26.23 -2.75 13.78
CA TYR A 68 -25.06 -2.43 14.60
C TYR A 68 -25.21 -1.13 15.39
N ARG A 69 -24.25 -0.90 16.28
CA ARG A 69 -24.22 0.31 17.09
C ARG A 69 -22.86 0.98 16.87
N VAL A 70 -22.87 2.29 16.71
CA VAL A 70 -21.63 3.02 16.50
C VAL A 70 -21.28 3.85 17.73
N PHE A 71 -20.18 3.49 18.39
CA PHE A 71 -19.71 4.23 19.56
C PHE A 71 -18.62 5.19 19.10
N GLU A 72 -18.63 6.40 19.63
CA GLU A 72 -17.64 7.40 19.27
C GLU A 72 -16.71 7.73 20.44
N PHE A 73 -15.41 7.76 20.18
CA PHE A 73 -14.43 8.07 21.21
C PHE A 73 -14.24 9.58 21.34
N GLU A 74 -14.16 10.05 22.57
CA GLU A 74 -13.97 11.47 22.83
C GLU A 74 -12.65 11.66 23.56
N ILE A 75 -11.70 12.31 22.90
CA ILE A 75 -10.38 12.54 23.48
C ILE A 75 -10.13 14.01 23.81
N LYS A 76 -9.26 14.25 24.77
CA LYS A 76 -8.93 15.61 25.19
C LYS A 76 -7.67 16.11 24.49
N VAL A 77 -7.79 17.23 23.80
CA VAL A 77 -6.68 17.83 23.08
C VAL A 77 -6.38 19.20 23.67
N LYS A 78 -5.35 19.26 24.51
CA LYS A 78 -4.93 20.50 25.17
C LYS A 78 -6.05 21.05 26.05
N GLY A 79 -6.72 20.16 26.79
CA GLY A 79 -7.79 20.58 27.67
C GLY A 79 -9.16 20.66 27.02
N GLN A 80 -9.20 20.65 25.70
CA GLN A 80 -10.48 20.71 24.97
C GLN A 80 -10.89 19.34 24.47
N ASP A 81 -12.08 18.90 24.84
CA ASP A 81 -12.58 17.60 24.41
C ASP A 81 -12.96 17.62 22.94
N MET A 82 -12.35 16.72 22.17
CA MET A 82 -12.63 16.62 20.74
C MET A 82 -13.00 15.20 20.35
N LEU A 83 -13.74 15.07 19.25
CA LEU A 83 -14.20 13.79 18.76
C LEU A 83 -13.18 13.14 17.82
N SER A 84 -12.83 11.89 18.12
CA SER A 84 -11.87 11.13 17.32
C SER A 84 -12.48 10.62 16.02
N ASP A 85 -11.66 10.54 14.98
CA ASP A 85 -12.12 10.04 13.69
C ASP A 85 -12.21 8.51 13.72
N ALA A 86 -11.74 7.92 14.79
CA ALA A 86 -11.80 6.46 14.92
C ALA A 86 -13.03 6.14 15.78
N ALA A 87 -14.04 5.55 15.16
CA ALA A 87 -15.25 5.17 15.86
C ALA A 87 -15.33 3.65 15.92
N LEU A 88 -16.20 3.12 16.78
CA LEU A 88 -16.33 1.68 16.91
C LEU A 88 -17.72 1.18 16.51
N MET A 89 -17.77 0.42 15.42
CA MET A 89 -19.03 -0.15 14.93
C MET A 89 -19.15 -1.54 15.51
N VAL A 90 -20.20 -1.76 16.30
CA VAL A 90 -20.41 -3.05 16.92
C VAL A 90 -21.66 -3.73 16.37
N LEU A 91 -21.45 -4.84 15.65
CA LEU A 91 -22.54 -5.59 15.06
C LEU A 91 -23.25 -6.39 16.13
N HIS A 92 -24.57 -6.32 16.15
CA HIS A 92 -25.33 -7.08 17.14
C HIS A 92 -25.06 -8.57 16.96
N ARG A 93 -24.88 -9.00 15.72
CA ARG A 93 -24.61 -10.40 15.43
C ARG A 93 -23.64 -10.52 14.26
N GLY A 94 -22.96 -11.67 14.17
CA GLY A 94 -22.01 -11.89 13.09
C GLY A 94 -20.85 -12.79 13.49
N ASN A 95 -20.07 -13.23 12.52
CA ASN A 95 -18.92 -14.10 12.79
C ASN A 95 -17.89 -13.33 13.61
N LYS A 96 -17.41 -13.94 14.68
CA LYS A 96 -16.44 -13.30 15.56
C LYS A 96 -15.09 -13.06 14.90
N VAL A 97 -14.43 -11.97 15.27
CA VAL A 97 -13.11 -11.65 14.75
C VAL A 97 -12.13 -11.91 15.89
N ARG A 98 -10.85 -12.04 15.57
CA ARG A 98 -9.82 -12.27 16.59
C ARG A 98 -9.64 -11.06 17.49
N ASP A 99 -9.47 -11.31 18.78
CA ASP A 99 -9.27 -10.25 19.77
C ASP A 99 -7.84 -9.75 19.67
N ILE A 100 -7.65 -8.52 19.19
CA ILE A 100 -6.30 -7.96 19.06
C ILE A 100 -6.12 -6.69 19.88
N THR A 101 -7.00 -6.46 20.84
CA THR A 101 -6.91 -5.26 21.67
C THR A 101 -5.61 -5.17 22.48
N LYS A 102 -5.03 -6.31 22.83
CA LYS A 102 -3.80 -6.30 23.62
C LYS A 102 -2.61 -5.82 22.80
N HIS A 103 -2.82 -5.57 21.51
CA HIS A 103 -1.74 -5.13 20.66
C HIS A 103 -1.70 -3.61 20.55
N PHE A 104 -2.65 -2.94 21.19
CA PHE A 104 -2.68 -1.49 21.20
C PHE A 104 -1.86 -1.06 22.42
N ARG A 105 -1.56 0.23 22.53
CA ARG A 105 -0.75 0.72 23.65
C ARG A 105 -1.28 2.03 24.24
N ASP A 106 -0.72 2.41 25.38
CA ASP A 106 -1.12 3.65 26.06
C ASP A 106 0.05 4.64 26.11
N THR A 107 1.23 4.16 26.48
CA THR A 107 2.41 5.01 26.56
C THR A 107 3.50 4.56 25.60
N ALA A 108 3.09 4.32 24.35
CA ALA A 108 4.02 3.89 23.32
C ALA A 108 4.74 5.10 22.75
N ARG A 109 6.00 4.91 22.39
CA ARG A 109 6.78 6.00 21.83
C ARG A 109 7.28 5.57 20.46
N MET A 110 7.11 6.43 19.46
CA MET A 110 7.58 6.13 18.12
C MET A 110 8.76 7.00 17.78
N LYS A 111 9.88 6.38 17.43
CA LYS A 111 11.06 7.12 17.06
C LYS A 111 10.87 7.63 15.64
N LYS A 112 10.95 8.95 15.48
CA LYS A 112 10.80 9.56 14.17
C LYS A 112 11.67 8.81 13.17
N GLY A 113 11.11 8.45 12.03
CA GLY A 113 11.88 7.74 11.02
C GLY A 113 11.83 6.22 11.01
N THR A 114 11.23 5.62 12.04
CA THR A 114 11.15 4.16 12.10
C THR A 114 10.04 3.59 11.22
N PRO A 115 10.14 2.30 10.86
CA PRO A 115 9.19 1.58 10.01
C PRO A 115 7.73 1.64 10.46
N VAL A 116 6.84 1.94 9.52
CA VAL A 116 5.40 2.01 9.78
C VAL A 116 4.72 1.14 8.72
N VAL A 117 3.66 0.44 9.09
CA VAL A 117 2.94 -0.40 8.14
C VAL A 117 1.43 -0.18 8.20
N GLY A 118 0.84 0.16 7.05
CA GLY A 118 -0.59 0.37 6.98
C GLY A 118 -1.26 -0.86 6.39
N VAL A 119 -2.35 -1.33 7.00
CA VAL A 119 -3.04 -2.52 6.51
C VAL A 119 -4.36 -2.14 5.84
N VAL A 120 -4.48 -2.46 4.56
CA VAL A 120 -5.68 -2.10 3.83
C VAL A 120 -6.41 -3.28 3.20
N ASN A 121 -7.73 -3.15 3.09
CA ASN A 121 -8.57 -4.16 2.45
C ASN A 121 -9.90 -3.53 2.06
N ASN A 122 -9.98 -3.07 0.81
CA ASN A 122 -11.21 -2.46 0.33
C ASN A 122 -11.52 -2.88 -1.11
N ALA A 123 -12.67 -2.43 -1.61
CA ALA A 123 -13.13 -2.75 -2.96
C ALA A 123 -12.29 -2.13 -4.07
N ASP A 124 -11.51 -1.11 -3.72
CA ASP A 124 -10.69 -0.44 -4.70
C ASP A 124 -9.36 -1.14 -4.99
N VAL A 125 -8.51 -1.26 -3.98
CA VAL A 125 -7.22 -1.90 -4.18
C VAL A 125 -7.10 -3.33 -3.63
N GLY A 126 -8.18 -3.84 -3.05
CA GLY A 126 -8.14 -5.19 -2.50
C GLY A 126 -7.30 -5.23 -1.24
N ARG A 127 -6.67 -6.37 -0.96
CA ARG A 127 -5.80 -6.51 0.22
C ARG A 127 -4.45 -5.92 -0.13
N LEU A 128 -4.06 -4.88 0.60
CA LEU A 128 -2.81 -4.21 0.33
C LEU A 128 -2.12 -3.69 1.58
N ILE A 129 -0.81 -3.50 1.48
CA ILE A 129 0.00 -3.00 2.57
C ILE A 129 0.79 -1.78 2.11
N PHE A 130 0.86 -0.75 2.94
CA PHE A 130 1.65 0.42 2.56
C PHE A 130 2.64 0.69 3.68
N SER A 131 3.89 0.88 3.30
CA SER A 131 4.93 1.14 4.28
C SER A 131 5.31 2.62 4.23
N GLY A 132 5.82 3.12 5.34
CA GLY A 132 6.22 4.52 5.39
C GLY A 132 7.07 4.76 6.59
N GLU A 133 7.44 6.01 6.84
CA GLU A 133 8.26 6.30 8.00
C GLU A 133 7.57 7.26 8.95
N ALA A 134 7.66 6.93 10.23
CA ALA A 134 7.04 7.72 11.27
C ALA A 134 7.56 9.14 11.28
N LEU A 135 6.65 10.07 11.55
CA LEU A 135 7.00 11.47 11.68
C LEU A 135 6.80 11.70 13.18
N THR A 136 5.76 12.45 13.55
CA THR A 136 5.49 12.70 14.96
C THR A 136 3.99 12.77 15.22
N TYR A 137 3.63 12.94 16.49
CA TYR A 137 2.22 13.06 16.85
C TYR A 137 1.72 14.43 16.41
N LYS A 138 0.41 14.56 16.28
CA LYS A 138 -0.21 15.80 15.87
C LYS A 138 -1.53 15.95 16.62
N ASP A 139 -1.66 17.03 17.39
CA ASP A 139 -2.87 17.26 18.15
C ASP A 139 -4.13 17.25 17.27
N ILE A 140 -4.09 18.01 16.18
CA ILE A 140 -5.23 18.07 15.27
C ILE A 140 -4.82 18.40 13.83
N VAL A 141 -5.71 18.06 12.90
CA VAL A 141 -5.49 18.33 11.48
C VAL A 141 -6.84 18.75 10.89
N VAL A 142 -7.08 20.05 10.88
CA VAL A 142 -8.32 20.61 10.36
C VAL A 142 -8.36 20.68 8.84
N SER A 143 -9.55 20.46 8.29
CA SER A 143 -9.74 20.50 6.84
C SER A 143 -10.20 21.92 6.48
N MET A 144 -9.89 22.34 5.25
CA MET A 144 -10.27 23.68 4.79
C MET A 144 -11.76 23.95 4.89
N ASP A 145 -12.51 22.95 5.34
CA ASP A 145 -13.96 23.07 5.47
C ASP A 145 -14.38 23.23 6.93
N GLY A 146 -13.46 22.92 7.85
CA GLY A 146 -13.77 23.04 9.26
C GLY A 146 -13.81 21.72 10.01
N ASP A 147 -13.63 20.62 9.29
CA ASP A 147 -13.63 19.29 9.89
C ASP A 147 -12.36 19.08 10.70
N THR A 148 -12.50 18.54 11.91
CA THR A 148 -11.35 18.33 12.76
C THR A 148 -11.12 16.86 13.15
N MET A 149 -9.85 16.46 13.10
CA MET A 149 -9.44 15.11 13.50
C MET A 149 -8.35 15.29 14.54
N PRO A 150 -8.64 14.94 15.81
CA PRO A 150 -7.71 15.06 16.93
C PRO A 150 -6.94 13.77 17.26
N GLY A 151 -5.88 13.92 18.06
CA GLY A 151 -5.07 12.77 18.47
C GLY A 151 -4.60 11.93 17.32
N LEU A 152 -3.72 12.48 16.50
CA LEU A 152 -3.20 11.78 15.33
C LEU A 152 -1.70 11.47 15.42
N PHE A 153 -1.23 10.71 14.44
CA PHE A 153 0.17 10.34 14.33
C PHE A 153 0.46 10.44 12.84
N ALA A 154 1.44 11.26 12.48
CA ALA A 154 1.76 11.45 11.06
C ALA A 154 2.87 10.53 10.59
N TYR A 155 2.87 10.26 9.29
CA TYR A 155 3.88 9.39 8.69
C TYR A 155 3.99 9.61 7.19
N LYS A 156 5.19 9.40 6.66
CA LYS A 156 5.42 9.55 5.23
C LYS A 156 4.92 8.26 4.59
N ALA A 157 4.02 8.38 3.62
CA ALA A 157 3.48 7.21 2.95
C ALA A 157 2.59 7.60 1.80
N ALA A 158 2.45 6.68 0.84
CA ALA A 158 1.59 6.89 -0.31
C ALA A 158 0.25 6.26 0.02
N THR A 159 -0.70 7.09 0.42
CA THR A 159 -2.03 6.60 0.77
C THR A 159 -3.08 7.20 -0.16
N ARG A 160 -4.24 6.55 -0.24
CA ARG A 160 -5.31 7.04 -1.09
C ARG A 160 -6.65 6.96 -0.38
N ALA A 161 -7.64 7.66 -0.92
CA ALA A 161 -8.97 7.64 -0.33
C ALA A 161 -9.44 6.20 -0.30
N GLY A 162 -10.02 5.78 0.81
CA GLY A 162 -10.50 4.42 0.93
C GLY A 162 -9.61 3.62 1.88
N TYR A 163 -8.46 4.20 2.24
CA TYR A 163 -7.53 3.55 3.15
C TYR A 163 -8.01 3.76 4.59
N ALA A 164 -8.82 4.79 4.77
CA ALA A 164 -9.37 5.11 6.09
C ALA A 164 -9.98 3.87 6.72
N GLY A 165 -9.67 3.63 7.99
CA GLY A 165 -10.19 2.46 8.69
C GLY A 165 -9.14 1.37 8.84
N GLY A 166 -8.15 1.34 7.95
CA GLY A 166 -7.11 0.33 8.05
C GLY A 166 -6.17 0.69 9.18
N ALA A 167 -5.61 -0.31 9.84
CA ALA A 167 -4.71 -0.06 10.96
C ALA A 167 -3.28 0.24 10.56
N VAL A 168 -2.64 1.09 11.36
CA VAL A 168 -1.25 1.48 11.15
C VAL A 168 -0.41 0.84 12.27
N LEU A 169 0.64 0.12 11.89
CA LEU A 169 1.52 -0.55 12.85
C LEU A 169 2.86 0.16 12.93
N ALA A 170 3.44 0.20 14.12
CA ALA A 170 4.74 0.86 14.31
C ALA A 170 5.62 0.00 15.19
N LYS A 171 6.84 0.47 15.44
CA LYS A 171 7.77 -0.24 16.29
C LYS A 171 8.31 0.67 17.40
N ASP A 172 8.51 0.08 18.57
CA ASP A 172 9.04 0.79 19.73
C ASP A 172 10.07 -0.18 20.29
N GLY A 173 11.26 -0.17 19.70
CA GLY A 173 12.31 -1.07 20.12
C GLY A 173 11.98 -2.46 19.61
N ALA A 174 11.93 -3.44 20.50
CA ALA A 174 11.61 -4.81 20.11
C ALA A 174 10.09 -5.03 20.11
N ASP A 175 9.36 -3.96 20.42
CA ASP A 175 7.92 -4.03 20.46
C ASP A 175 7.26 -3.59 19.16
N THR A 176 6.29 -4.39 18.69
CA THR A 176 5.54 -4.08 17.48
C THR A 176 4.11 -3.91 17.94
N PHE A 177 3.47 -2.80 17.57
CA PHE A 177 2.12 -2.56 18.04
C PHE A 177 1.23 -1.79 17.07
N ILE A 178 -0.06 -1.75 17.40
CA ILE A 178 -1.03 -1.05 16.57
C ILE A 178 -1.19 0.37 17.11
N VAL A 179 -0.92 1.36 16.27
CA VAL A 179 -1.03 2.76 16.67
C VAL A 179 -2.47 3.24 16.64
N GLY A 180 -3.18 2.84 15.60
CA GLY A 180 -4.57 3.24 15.44
C GLY A 180 -5.03 2.97 14.02
N THR A 181 -5.95 3.80 13.52
CA THR A 181 -6.48 3.62 12.18
C THR A 181 -6.29 4.83 11.25
N HIS A 182 -5.86 4.57 10.01
CA HIS A 182 -5.65 5.61 9.02
C HIS A 182 -6.89 6.49 8.90
N SER A 183 -6.70 7.81 8.92
CA SER A 183 -7.82 8.74 8.83
C SER A 183 -7.80 9.67 7.63
N ALA A 184 -6.61 10.09 7.23
CA ALA A 184 -6.47 10.99 6.08
C ALA A 184 -5.05 10.96 5.55
N GLY A 185 -4.84 11.56 4.38
CA GLY A 185 -3.52 11.57 3.80
C GLY A 185 -3.42 12.35 2.50
N GLY A 186 -2.20 12.50 2.00
CA GLY A 186 -1.97 13.22 0.76
C GLY A 186 -0.66 13.97 0.81
N ASN A 187 -0.07 14.25 -0.35
CA ASN A 187 1.20 14.96 -0.42
C ASN A 187 2.32 14.08 0.13
N GLY A 188 2.13 12.76 0.06
CA GLY A 188 3.14 11.86 0.56
C GLY A 188 3.15 11.73 2.07
N VAL A 189 2.13 12.26 2.73
CA VAL A 189 2.04 12.19 4.18
C VAL A 189 0.64 11.76 4.62
N GLY A 190 0.58 10.82 5.55
CA GLY A 190 -0.70 10.34 6.04
C GLY A 190 -0.87 10.51 7.54
N TYR A 191 -2.10 10.35 8.01
CA TYR A 191 -2.40 10.50 9.42
C TYR A 191 -3.36 9.40 9.87
N CYS A 192 -3.13 8.88 11.08
CA CYS A 192 -4.00 7.86 11.63
C CYS A 192 -4.49 8.39 12.97
N SER A 193 -5.68 7.97 13.37
CA SER A 193 -6.22 8.41 14.66
C SER A 193 -5.69 7.41 15.69
N CYS A 194 -5.08 7.94 16.74
CA CYS A 194 -4.53 7.08 17.77
C CYS A 194 -5.65 6.46 18.61
N VAL A 195 -5.53 5.17 18.87
CA VAL A 195 -6.49 4.45 19.69
C VAL A 195 -5.68 3.79 20.79
N SER A 196 -5.98 4.11 22.04
CA SER A 196 -5.22 3.55 23.15
C SER A 196 -5.77 2.19 23.60
N ARG A 197 -4.89 1.40 24.22
CA ARG A 197 -5.28 0.09 24.72
C ARG A 197 -6.41 0.23 25.74
N SER A 198 -6.29 1.19 26.64
CA SER A 198 -7.31 1.41 27.67
C SER A 198 -8.66 1.74 27.02
N MET A 199 -8.66 2.65 26.05
CA MET A 199 -9.89 3.02 25.34
C MET A 199 -10.63 1.75 24.92
N LEU A 200 -9.92 0.86 24.24
CA LEU A 200 -10.51 -0.40 23.77
C LEU A 200 -10.91 -1.37 24.87
N GLN A 201 -10.12 -1.45 25.93
CA GLN A 201 -10.43 -2.36 27.03
C GLN A 201 -11.73 -1.96 27.70
N LYS A 202 -11.86 -0.67 28.02
CA LYS A 202 -13.06 -0.16 28.66
C LYS A 202 -14.26 -0.37 27.76
N MET A 203 -14.06 -0.12 26.48
CA MET A 203 -15.10 -0.26 25.47
C MET A 203 -15.48 -1.73 25.30
N LYS A 204 -14.49 -2.61 25.36
CA LYS A 204 -14.73 -4.05 25.23
C LYS A 204 -15.53 -4.55 26.42
N ALA A 205 -15.20 -4.05 27.60
CA ALA A 205 -15.90 -4.43 28.83
C ALA A 205 -17.33 -3.95 28.78
N HIS A 206 -17.53 -2.74 28.25
CA HIS A 206 -18.86 -2.15 28.12
C HIS A 206 -19.76 -3.07 27.28
N VAL A 207 -19.28 -3.47 26.12
CA VAL A 207 -20.04 -4.35 25.24
C VAL A 207 -20.09 -5.74 25.83
N GLU A 208 -19.10 -6.07 26.65
CA GLU A 208 -19.01 -7.38 27.30
C GLU A 208 -18.87 -8.50 26.27
N ASP B 8 -5.23 7.85 -12.42
CA ASP B 8 -5.07 6.89 -11.30
C ASP B 8 -4.00 5.86 -11.68
N LEU B 9 -2.77 6.34 -11.83
CA LEU B 9 -1.66 5.48 -12.22
C LEU B 9 -1.40 4.32 -11.28
N GLN B 10 -1.42 4.58 -9.98
CA GLN B 10 -1.18 3.54 -8.98
C GLN B 10 -1.99 2.27 -9.12
N LYS B 11 -3.30 2.41 -9.31
CA LYS B 11 -4.15 1.22 -9.43
C LYS B 11 -3.81 0.47 -10.72
N MET B 12 -3.62 1.20 -11.81
CA MET B 12 -3.29 0.57 -13.08
C MET B 12 -2.03 -0.26 -12.95
N VAL B 13 -0.97 0.34 -12.41
CA VAL B 13 0.31 -0.32 -12.24
C VAL B 13 0.21 -1.55 -11.35
N MET B 14 -0.52 -1.45 -10.24
CA MET B 14 -0.66 -2.61 -9.36
C MET B 14 -1.33 -3.76 -10.11
N GLY B 15 -2.29 -3.42 -10.96
CA GLY B 15 -2.99 -4.43 -11.73
C GLY B 15 -2.08 -5.13 -12.73
N ASN B 16 -0.97 -4.48 -13.07
CA ASN B 16 -0.01 -5.04 -14.01
C ASN B 16 1.20 -5.68 -13.32
N THR B 17 1.33 -5.47 -12.02
CA THR B 17 2.45 -6.01 -11.25
C THR B 17 2.15 -7.42 -10.77
N LYS B 18 3.01 -8.36 -11.13
CA LYS B 18 2.84 -9.78 -10.78
C LYS B 18 4.00 -10.35 -9.97
N PRO B 19 3.71 -11.31 -9.08
CA PRO B 19 4.74 -11.94 -8.25
C PRO B 19 5.52 -13.01 -9.02
N VAL B 20 6.84 -13.02 -8.86
CA VAL B 20 7.68 -14.00 -9.54
C VAL B 20 8.50 -14.79 -8.54
N GLU B 21 8.62 -16.09 -8.77
CA GLU B 21 9.41 -16.94 -7.91
C GLU B 21 10.29 -17.81 -8.79
N LEU B 22 11.59 -17.83 -8.53
CA LEU B 22 12.51 -18.65 -9.30
C LEU B 22 12.63 -19.97 -8.56
N ILE B 23 12.41 -21.08 -9.27
CA ILE B 23 12.46 -22.40 -8.65
C ILE B 23 13.64 -23.25 -9.13
N LEU B 24 14.25 -23.96 -8.20
CA LEU B 24 15.37 -24.85 -8.50
C LEU B 24 15.18 -26.10 -7.64
N ASP B 25 14.69 -27.18 -8.26
CA ASP B 25 14.44 -28.43 -7.56
C ASP B 25 13.24 -28.31 -6.64
N GLY B 26 12.13 -27.81 -7.19
CA GLY B 26 10.93 -27.64 -6.40
C GLY B 26 11.13 -26.78 -5.17
N LYS B 27 12.10 -25.88 -5.23
CA LYS B 27 12.39 -24.99 -4.12
C LYS B 27 12.58 -23.54 -4.60
N THR B 28 11.96 -22.61 -3.89
CA THR B 28 12.07 -21.19 -4.24
C THR B 28 13.43 -20.66 -3.82
N VAL B 29 14.25 -20.25 -4.79
CA VAL B 29 15.58 -19.73 -4.50
C VAL B 29 15.68 -18.20 -4.60
N ALA B 30 14.60 -17.56 -5.04
CA ALA B 30 14.59 -16.11 -5.16
C ALA B 30 13.20 -15.63 -5.57
N ILE B 31 12.89 -14.39 -5.19
CA ILE B 31 11.60 -13.81 -5.53
C ILE B 31 11.76 -12.38 -6.01
N CYS B 32 10.78 -11.89 -6.77
CA CYS B 32 10.80 -10.53 -7.27
C CYS B 32 9.45 -10.20 -7.89
N CYS B 33 9.36 -9.05 -8.56
CA CYS B 33 8.13 -8.64 -9.20
C CYS B 33 8.31 -8.56 -10.70
N ALA B 34 7.20 -8.55 -11.41
CA ALA B 34 7.19 -8.42 -12.86
C ALA B 34 6.16 -7.34 -13.14
N THR B 35 6.57 -6.30 -13.85
CA THR B 35 5.67 -5.21 -14.18
C THR B 35 5.23 -5.31 -15.64
N GLY B 36 4.00 -5.76 -15.87
CA GLY B 36 3.52 -5.86 -17.24
C GLY B 36 3.43 -4.45 -17.79
N VAL B 37 3.82 -4.26 -19.05
CA VAL B 37 3.77 -2.95 -19.67
C VAL B 37 2.88 -2.91 -20.91
N PHE B 38 2.74 -4.05 -21.57
CA PHE B 38 1.90 -4.16 -22.76
C PHE B 38 1.88 -5.61 -23.23
N GLY B 39 0.81 -6.00 -23.93
CA GLY B 39 0.69 -7.36 -24.42
C GLY B 39 1.04 -8.36 -23.34
N THR B 40 2.04 -9.19 -23.60
CA THR B 40 2.49 -10.19 -22.65
C THR B 40 3.94 -9.90 -22.26
N ALA B 41 4.31 -8.62 -22.36
CA ALA B 41 5.65 -8.16 -22.04
C ALA B 41 5.72 -7.59 -20.62
N TYR B 42 6.72 -8.04 -19.85
CA TYR B 42 6.91 -7.60 -18.47
C TYR B 42 8.34 -7.15 -18.18
N LEU B 43 8.48 -6.07 -17.43
CA LEU B 43 9.79 -5.59 -17.03
C LEU B 43 10.18 -6.44 -15.83
N VAL B 44 11.37 -7.03 -15.86
CA VAL B 44 11.85 -7.86 -14.76
C VAL B 44 13.32 -7.56 -14.48
N PRO B 45 13.84 -8.03 -13.33
CA PRO B 45 15.25 -7.77 -13.01
C PRO B 45 16.11 -8.67 -13.89
N ARG B 46 16.93 -8.07 -14.74
CA ARG B 46 17.77 -8.83 -15.64
C ARG B 46 18.68 -9.79 -14.88
N HIS B 47 19.28 -9.31 -13.80
CA HIS B 47 20.18 -10.12 -12.98
C HIS B 47 19.58 -11.41 -12.45
N LEU B 48 18.40 -11.35 -11.85
CA LEU B 48 17.78 -12.56 -11.32
C LEU B 48 17.67 -13.64 -12.38
N PHE B 49 17.39 -13.25 -13.62
CA PHE B 49 17.27 -14.22 -14.69
C PHE B 49 18.62 -14.74 -15.13
N ALA B 50 19.65 -14.40 -14.38
CA ALA B 50 21.01 -14.87 -14.68
C ALA B 50 21.36 -15.96 -13.70
N GLU B 51 20.56 -16.05 -12.63
CA GLU B 51 20.78 -17.06 -11.60
C GLU B 51 20.49 -18.46 -12.13
N GLN B 52 20.66 -19.46 -11.27
CA GLN B 52 20.41 -20.85 -11.61
C GLN B 52 19.01 -21.25 -11.16
N TYR B 53 18.17 -21.69 -12.10
CA TYR B 53 16.80 -22.08 -11.79
C TYR B 53 16.24 -23.04 -12.83
N ASP B 54 15.30 -23.89 -12.44
CA ASP B 54 14.69 -24.85 -13.35
C ASP B 54 13.47 -24.24 -14.03
N LYS B 55 12.65 -23.53 -13.25
CA LYS B 55 11.45 -22.91 -13.78
C LYS B 55 11.11 -21.63 -13.04
N ILE B 56 10.12 -20.91 -13.54
CA ILE B 56 9.70 -19.67 -12.91
C ILE B 56 8.19 -19.63 -12.73
N MET B 57 7.75 -19.05 -11.64
CA MET B 57 6.33 -18.92 -11.37
C MET B 57 5.93 -17.46 -11.59
N LEU B 58 5.06 -17.22 -12.55
CA LEU B 58 4.58 -15.88 -12.85
C LEU B 58 3.10 -15.83 -12.52
N ASP B 59 2.78 -15.13 -11.43
CA ASP B 59 1.40 -15.02 -10.98
C ASP B 59 0.79 -16.42 -10.81
N GLY B 60 1.57 -17.30 -10.21
CA GLY B 60 1.12 -18.66 -9.97
C GLY B 60 1.11 -19.57 -11.19
N ARG B 61 1.68 -19.11 -12.31
CA ARG B 61 1.73 -19.92 -13.53
C ARG B 61 3.13 -20.44 -13.78
N ALA B 62 3.24 -21.76 -14.02
CA ALA B 62 4.52 -22.41 -14.26
C ALA B 62 5.03 -22.11 -15.67
N MET B 63 6.28 -21.64 -15.75
CA MET B 63 6.87 -21.31 -17.04
C MET B 63 8.35 -21.65 -17.14
N THR B 64 8.78 -22.06 -18.33
CA THR B 64 10.18 -22.38 -18.57
C THR B 64 10.69 -21.44 -19.66
N ASP B 65 11.99 -21.49 -19.93
CA ASP B 65 12.57 -20.63 -20.94
C ASP B 65 11.94 -20.82 -22.32
N SER B 66 11.30 -21.96 -22.55
CA SER B 66 10.65 -22.21 -23.83
C SER B 66 9.29 -21.51 -23.96
N ASP B 67 8.83 -20.87 -22.88
CA ASP B 67 7.54 -20.17 -22.87
C ASP B 67 7.67 -18.66 -23.06
N TYR B 68 8.90 -18.17 -23.13
CA TYR B 68 9.09 -16.74 -23.27
C TYR B 68 10.47 -16.38 -23.78
N ARG B 69 10.64 -15.12 -24.14
CA ARG B 69 11.91 -14.61 -24.63
C ARG B 69 12.25 -13.44 -23.73
N VAL B 70 13.53 -13.21 -23.50
CA VAL B 70 13.96 -12.09 -22.68
C VAL B 70 14.75 -11.14 -23.56
N PHE B 71 14.35 -9.88 -23.59
CA PHE B 71 15.03 -8.88 -24.39
C PHE B 71 15.72 -7.90 -23.46
N GLU B 72 16.95 -7.55 -23.79
CA GLU B 72 17.70 -6.63 -22.96
C GLU B 72 17.77 -5.25 -23.61
N PHE B 73 17.99 -4.22 -22.80
CA PHE B 73 18.10 -2.86 -23.30
C PHE B 73 19.56 -2.46 -23.31
N GLU B 74 20.16 -2.45 -24.50
CA GLU B 74 21.57 -2.11 -24.65
C GLU B 74 21.80 -1.23 -25.89
N LEU B 83 23.95 -1.64 -20.83
CA LEU B 83 23.22 -2.80 -20.35
C LEU B 83 22.37 -2.46 -19.13
N SER B 84 21.08 -2.25 -19.35
CA SER B 84 20.16 -1.91 -18.28
C SER B 84 19.92 -3.07 -17.31
N ASP B 85 19.60 -2.75 -16.05
CA ASP B 85 19.32 -3.78 -15.06
C ASP B 85 17.89 -4.28 -15.20
N ALA B 86 17.13 -3.62 -16.07
CA ALA B 86 15.75 -3.99 -16.33
C ALA B 86 15.69 -4.71 -17.66
N ALA B 87 15.09 -5.89 -17.69
CA ALA B 87 14.96 -6.64 -18.94
C ALA B 87 13.48 -6.80 -19.24
N LEU B 88 13.17 -7.21 -20.46
CA LEU B 88 11.78 -7.39 -20.85
C LEU B 88 11.47 -8.84 -21.17
N MET B 89 10.66 -9.47 -20.33
CA MET B 89 10.26 -10.85 -20.52
C MET B 89 8.94 -10.86 -21.28
N VAL B 90 8.97 -11.40 -22.49
CA VAL B 90 7.79 -11.46 -23.33
C VAL B 90 7.30 -12.88 -23.46
N LEU B 91 6.12 -13.16 -22.93
CA LEU B 91 5.55 -14.51 -22.99
C LEU B 91 5.02 -14.80 -24.39
N HIS B 92 5.21 -16.02 -24.86
CA HIS B 92 4.70 -16.40 -26.17
C HIS B 92 3.18 -16.32 -26.15
N ARG B 93 2.59 -16.76 -25.04
CA ARG B 93 1.14 -16.75 -24.86
C ARG B 93 0.76 -16.44 -23.42
N GLY B 94 -0.32 -15.69 -23.24
CA GLY B 94 -0.77 -15.35 -21.90
C GLY B 94 -1.86 -14.30 -21.89
N ASN B 95 -2.49 -14.11 -20.73
CA ASN B 95 -3.55 -13.12 -20.61
C ASN B 95 -2.93 -11.72 -20.76
N LYS B 96 -3.39 -10.97 -21.75
CA LYS B 96 -2.86 -9.65 -22.01
C LYS B 96 -2.91 -8.73 -20.79
N VAL B 97 -1.90 -7.87 -20.66
CA VAL B 97 -1.85 -6.92 -19.55
C VAL B 97 -2.28 -5.57 -20.12
N ARG B 98 -2.55 -4.62 -19.23
CA ARG B 98 -2.96 -3.30 -19.66
C ARG B 98 -1.75 -2.57 -20.25
N ASP B 99 -1.95 -1.92 -21.39
CA ASP B 99 -0.87 -1.18 -22.03
C ASP B 99 -0.67 0.13 -21.27
N ILE B 100 0.50 0.27 -20.65
CA ILE B 100 0.80 1.47 -19.87
C ILE B 100 2.06 2.17 -20.35
N THR B 101 2.45 1.92 -21.60
CA THR B 101 3.65 2.53 -22.16
C THR B 101 3.62 4.05 -22.21
N LYS B 102 2.42 4.63 -22.33
CA LYS B 102 2.29 6.08 -22.40
C LYS B 102 2.56 6.78 -21.06
N HIS B 103 2.58 6.01 -19.98
CA HIS B 103 2.82 6.57 -18.66
C HIS B 103 4.32 6.67 -18.34
N PHE B 104 5.15 6.29 -19.29
CA PHE B 104 6.59 6.39 -19.13
C PHE B 104 6.98 7.69 -19.82
N ARG B 105 8.11 8.27 -19.44
CA ARG B 105 8.56 9.53 -20.03
C ARG B 105 9.87 9.44 -20.81
N ASP B 106 9.99 10.24 -21.86
CA ASP B 106 11.21 10.30 -22.66
C ASP B 106 11.98 11.51 -22.19
N THR B 107 11.26 12.49 -21.69
CA THR B 107 11.85 13.72 -21.18
C THR B 107 11.12 14.12 -19.89
N ALA B 108 11.83 14.09 -18.78
CA ALA B 108 11.24 14.44 -17.49
C ALA B 108 12.31 14.91 -16.52
N ARG B 109 11.88 15.55 -15.44
CA ARG B 109 12.80 16.05 -14.43
C ARG B 109 12.21 15.83 -13.05
N MET B 110 13.05 15.44 -12.09
CA MET B 110 12.59 15.22 -10.72
C MET B 110 13.47 16.00 -9.75
N LYS B 111 12.83 16.84 -8.94
CA LYS B 111 13.56 17.65 -7.97
C LYS B 111 13.81 16.83 -6.69
N LYS B 112 14.94 17.06 -6.05
CA LYS B 112 15.27 16.35 -4.82
C LYS B 112 14.17 16.57 -3.79
N GLY B 113 13.86 15.53 -3.03
CA GLY B 113 12.84 15.64 -2.01
C GLY B 113 11.44 15.24 -2.45
N THR B 114 11.17 15.28 -3.74
CA THR B 114 9.85 14.92 -4.26
C THR B 114 9.42 13.52 -3.84
N PRO B 115 8.11 13.29 -3.70
CA PRO B 115 7.57 11.98 -3.31
C PRO B 115 7.73 10.91 -4.38
N VAL B 116 8.13 9.72 -3.97
CA VAL B 116 8.30 8.59 -4.87
C VAL B 116 7.39 7.45 -4.41
N VAL B 117 6.84 6.72 -5.36
CA VAL B 117 5.95 5.60 -5.05
C VAL B 117 6.46 4.30 -5.66
N GLY B 118 6.56 3.26 -4.83
CA GLY B 118 7.02 1.97 -5.31
C GLY B 118 5.90 0.95 -5.29
N VAL B 119 5.63 0.32 -6.43
CA VAL B 119 4.57 -0.68 -6.52
C VAL B 119 5.17 -2.09 -6.50
N VAL B 120 4.88 -2.81 -5.42
CA VAL B 120 5.42 -4.16 -5.24
C VAL B 120 4.37 -5.25 -5.13
N ASN B 121 4.75 -6.45 -5.54
CA ASN B 121 3.87 -7.60 -5.45
C ASN B 121 4.72 -8.87 -5.58
N ASN B 122 5.06 -9.48 -4.44
CA ASN B 122 5.84 -10.72 -4.46
C ASN B 122 5.32 -11.67 -3.38
N ALA B 123 5.89 -12.86 -3.32
CA ALA B 123 5.46 -13.88 -2.35
C ALA B 123 5.75 -13.52 -0.90
N ASP B 124 6.73 -12.67 -0.68
CA ASP B 124 7.09 -12.29 0.68
C ASP B 124 6.14 -11.28 1.32
N VAL B 125 6.08 -10.07 0.77
CA VAL B 125 5.20 -9.05 1.34
C VAL B 125 3.84 -8.95 0.66
N GLY B 126 3.64 -9.72 -0.42
CA GLY B 126 2.37 -9.65 -1.12
C GLY B 126 2.24 -8.33 -1.85
N ARG B 127 1.02 -7.85 -2.02
CA ARG B 127 0.79 -6.58 -2.69
C ARG B 127 1.17 -5.45 -1.73
N LEU B 128 2.23 -4.71 -2.09
CA LEU B 128 2.71 -3.63 -1.23
C LEU B 128 3.09 -2.35 -1.97
N ILE B 129 2.82 -1.21 -1.31
CA ILE B 129 3.13 0.11 -1.86
C ILE B 129 4.11 0.78 -0.91
N PHE B 130 5.32 1.08 -1.37
CA PHE B 130 6.28 1.74 -0.49
C PHE B 130 6.49 3.16 -0.99
N SER B 131 6.90 4.05 -0.09
CA SER B 131 7.13 5.43 -0.49
C SER B 131 8.53 5.90 -0.17
N GLY B 132 8.92 7.01 -0.76
CA GLY B 132 10.23 7.55 -0.52
C GLY B 132 10.32 8.93 -1.12
N GLU B 133 11.53 9.45 -1.26
CA GLU B 133 11.72 10.77 -1.83
C GLU B 133 13.02 10.79 -2.63
N ALA B 134 12.99 11.49 -3.77
CA ALA B 134 14.17 11.61 -4.61
C ALA B 134 15.34 12.00 -3.72
N LEU B 135 16.40 11.21 -3.75
CA LEU B 135 17.57 11.50 -2.93
C LEU B 135 18.47 12.50 -3.63
N THR B 136 18.09 12.86 -4.86
CA THR B 136 18.85 13.82 -5.64
C THR B 136 18.09 14.23 -6.90
N TYR B 137 18.57 15.29 -7.54
CA TYR B 137 17.96 15.77 -8.77
C TYR B 137 18.20 14.72 -9.85
N LYS B 138 17.24 14.57 -10.75
CA LYS B 138 17.36 13.61 -11.83
C LYS B 138 16.78 14.16 -13.13
N ASP B 139 17.59 14.09 -14.19
CA ASP B 139 17.17 14.60 -15.49
C ASP B 139 17.24 13.51 -16.54
N ILE B 140 16.09 13.12 -17.07
CA ILE B 140 16.04 12.10 -18.11
C ILE B 140 15.74 12.77 -19.45
N VAL B 141 16.51 12.41 -20.48
CA VAL B 141 16.32 12.99 -21.80
C VAL B 141 16.13 11.90 -22.86
N MET B 149 20.60 6.55 -22.80
CA MET B 149 20.34 5.79 -21.59
C MET B 149 20.08 6.70 -20.39
N PRO B 150 18.86 6.65 -19.83
CA PRO B 150 18.47 7.47 -18.68
C PRO B 150 19.26 7.18 -17.40
N GLY B 151 19.83 5.99 -17.30
CA GLY B 151 20.61 5.64 -16.12
C GLY B 151 19.84 5.16 -14.91
N LEU B 152 20.21 5.67 -13.74
CA LEU B 152 19.58 5.29 -12.48
C LEU B 152 18.98 6.49 -11.73
N PHE B 153 17.98 6.20 -10.89
CA PHE B 153 17.31 7.21 -10.08
C PHE B 153 17.24 6.71 -8.65
N ALA B 154 17.92 7.41 -7.74
CA ALA B 154 17.96 7.01 -6.35
C ALA B 154 16.91 7.72 -5.50
N TYR B 155 16.48 7.04 -4.44
CA TYR B 155 15.48 7.61 -3.56
C TYR B 155 15.61 7.02 -2.17
N LYS B 156 15.38 7.85 -1.16
CA LYS B 156 15.45 7.40 0.22
C LYS B 156 14.17 6.63 0.51
N ALA B 157 14.32 5.39 0.95
CA ALA B 157 13.17 4.55 1.26
C ALA B 157 13.62 3.18 1.75
N ALA B 158 12.74 2.52 2.49
CA ALA B 158 13.01 1.19 3.02
C ALA B 158 12.57 0.16 1.98
N THR B 159 13.54 -0.54 1.41
CA THR B 159 13.23 -1.55 0.40
C THR B 159 14.03 -2.83 0.66
N ARG B 160 13.61 -3.93 0.05
CA ARG B 160 14.31 -5.19 0.21
C ARG B 160 14.48 -5.90 -1.13
N ALA B 161 15.39 -6.87 -1.17
CA ALA B 161 15.70 -7.62 -2.38
C ALA B 161 14.51 -7.96 -3.27
N GLY B 162 13.48 -8.56 -2.68
CA GLY B 162 12.30 -8.93 -3.46
C GLY B 162 11.51 -7.81 -4.10
N TYR B 163 11.94 -6.56 -3.93
CA TYR B 163 11.22 -5.44 -4.52
C TYR B 163 11.66 -5.21 -5.96
N ALA B 164 12.81 -5.76 -6.32
CA ALA B 164 13.33 -5.63 -7.67
C ALA B 164 12.26 -6.01 -8.69
N GLY B 165 12.11 -5.20 -9.73
CA GLY B 165 11.11 -5.48 -10.75
C GLY B 165 9.82 -4.71 -10.55
N GLY B 166 9.65 -4.13 -9.37
CA GLY B 166 8.46 -3.35 -9.10
C GLY B 166 8.59 -1.97 -9.72
N ALA B 167 7.48 -1.39 -10.14
CA ALA B 167 7.49 -0.07 -10.78
C ALA B 167 7.72 1.05 -9.78
N VAL B 168 8.36 2.12 -10.25
CA VAL B 168 8.63 3.28 -9.42
C VAL B 168 7.97 4.49 -10.07
N LEU B 169 7.16 5.20 -9.30
CA LEU B 169 6.47 6.37 -9.81
C LEU B 169 7.07 7.63 -9.20
N ALA B 170 7.19 8.67 -10.00
CA ALA B 170 7.75 9.93 -9.53
C ALA B 170 6.89 11.10 -9.99
N LYS B 171 7.19 12.27 -9.45
CA LYS B 171 6.45 13.47 -9.79
C LYS B 171 7.25 14.40 -10.69
N ASP B 172 6.72 14.66 -11.88
CA ASP B 172 7.36 15.57 -12.82
C ASP B 172 6.48 16.81 -12.77
N GLY B 173 6.74 17.65 -11.77
CA GLY B 173 5.96 18.86 -11.61
C GLY B 173 4.68 18.48 -10.87
N ALA B 174 3.57 18.44 -11.60
CA ALA B 174 2.29 18.09 -11.01
C ALA B 174 1.82 16.73 -11.53
N ASP B 175 2.54 16.22 -12.52
CA ASP B 175 2.19 14.94 -13.12
C ASP B 175 3.00 13.76 -12.61
N THR B 176 2.32 12.64 -12.40
CA THR B 176 2.94 11.42 -11.93
C THR B 176 3.19 10.52 -13.14
N PHE B 177 4.35 9.88 -13.17
CA PHE B 177 4.69 9.01 -14.28
C PHE B 177 5.55 7.85 -13.78
N ILE B 178 5.77 6.87 -14.64
CA ILE B 178 6.57 5.71 -14.30
C ILE B 178 8.01 5.96 -14.71
N VAL B 179 8.91 5.98 -13.73
CA VAL B 179 10.33 6.22 -13.99
C VAL B 179 10.98 4.96 -14.54
N GLY B 180 10.67 3.83 -13.90
CA GLY B 180 11.22 2.56 -14.30
C GLY B 180 10.96 1.53 -13.22
N THR B 181 11.84 0.56 -13.09
CA THR B 181 11.65 -0.48 -12.08
C THR B 181 12.78 -0.53 -11.05
N HIS B 182 12.39 -0.78 -9.80
CA HIS B 182 13.33 -0.88 -8.70
C HIS B 182 14.30 -2.00 -9.04
N SER B 183 15.60 -1.75 -8.85
CA SER B 183 16.61 -2.75 -9.18
C SER B 183 17.56 -3.10 -8.05
N ALA B 184 17.75 -2.18 -7.10
CA ALA B 184 18.66 -2.42 -5.99
C ALA B 184 18.37 -1.46 -4.84
N GLY B 185 18.78 -1.85 -3.64
CA GLY B 185 18.56 -1.01 -2.48
C GLY B 185 19.45 -1.36 -1.31
N GLY B 186 20.22 -0.38 -0.83
CA GLY B 186 21.10 -0.61 0.29
C GLY B 186 21.26 0.64 1.15
N ASN B 187 21.66 0.45 2.40
CA ASN B 187 21.85 1.58 3.32
C ASN B 187 20.60 2.44 3.42
N GLY B 188 19.43 1.81 3.32
CA GLY B 188 18.19 2.54 3.40
C GLY B 188 17.96 3.46 2.21
N VAL B 189 18.63 3.14 1.10
CA VAL B 189 18.50 3.92 -0.13
C VAL B 189 18.22 2.98 -1.31
N GLY B 190 17.21 3.32 -2.11
CA GLY B 190 16.87 2.49 -3.25
C GLY B 190 17.23 3.12 -4.58
N TYR B 191 17.42 2.28 -5.59
CA TYR B 191 17.76 2.73 -6.93
C TYR B 191 16.92 1.98 -7.94
N CYS B 192 16.42 2.68 -8.96
CA CYS B 192 15.62 2.01 -9.97
C CYS B 192 16.22 2.25 -11.35
N SER B 193 16.00 1.28 -12.25
CA SER B 193 16.50 1.38 -13.62
C SER B 193 15.49 2.18 -14.43
N CYS B 194 15.89 3.38 -14.86
CA CYS B 194 15.00 4.22 -15.64
C CYS B 194 14.70 3.60 -16.99
N VAL B 195 13.41 3.53 -17.31
CA VAL B 195 12.98 2.97 -18.59
C VAL B 195 12.17 4.05 -19.32
N SER B 196 12.68 4.48 -20.47
CA SER B 196 12.03 5.51 -21.27
C SER B 196 10.89 4.96 -22.10
N ARG B 197 9.94 5.82 -22.43
CA ARG B 197 8.81 5.43 -23.25
C ARG B 197 9.31 4.99 -24.63
N SER B 198 10.39 5.63 -25.08
CA SER B 198 10.97 5.29 -26.38
C SER B 198 11.58 3.90 -26.32
N MET B 199 12.30 3.61 -25.25
CA MET B 199 12.92 2.30 -25.07
C MET B 199 11.84 1.24 -25.18
N LEU B 200 10.68 1.50 -24.56
CA LEU B 200 9.56 0.56 -24.59
C LEU B 200 8.89 0.51 -25.95
N GLN B 201 8.70 1.65 -26.59
CA GLN B 201 8.06 1.68 -27.89
C GLN B 201 8.89 0.93 -28.93
N LYS B 202 10.17 1.28 -29.03
CA LYS B 202 11.05 0.63 -29.99
C LYS B 202 11.02 -0.88 -29.73
N MET B 203 11.05 -1.25 -28.46
CA MET B 203 11.03 -2.65 -28.07
C MET B 203 9.69 -3.28 -28.43
N LYS B 204 8.62 -2.51 -28.26
CA LYS B 204 7.28 -2.99 -28.58
C LYS B 204 7.17 -3.32 -30.07
N ALA B 205 7.82 -2.51 -30.90
CA ALA B 205 7.80 -2.71 -32.35
C ALA B 205 8.34 -4.08 -32.74
N HIS B 206 9.53 -4.41 -32.24
CA HIS B 206 10.17 -5.68 -32.54
C HIS B 206 9.21 -6.84 -32.28
N VAL B 207 8.60 -6.85 -31.10
CA VAL B 207 7.66 -7.90 -30.73
C VAL B 207 6.38 -7.80 -31.55
#